data_6MF4
#
_entry.id   6MF4
#
_cell.length_a   51.080
_cell.length_b   65.950
_cell.length_c   96.120
_cell.angle_alpha   90.00
_cell.angle_beta   90.00
_cell.angle_gamma   90.00
#
_symmetry.space_group_name_H-M   'P 21 21 21'
#
loop_
_entity.id
_entity.type
_entity.pdbx_description
1 polymer 'Cell cycle serine/threonine-protein kinase CDC5/MSD2'
2 non-polymer 'ZINC ION'
3 water water
#
_entity_poly.entity_id   1
_entity_poly.type   'polypeptide(L)'
_entity_poly.pdbx_seq_one_letter_code
;GALSPGGTKQKYKEVVDIEAQRRLNDLAREARIRRAQQAVLRKELIATSTNVIKSEISLRILASECHLTLNGIVEAEAQY
KMGGLPKSRLPKIKHPMIVTKWVDYSNKHGFSYQLSTEDIGVLFNNGTTVLRLADAEEFWYISYDDREGWVASHYLLSEK
PRELSRHLEVVDFFAKYMKANLSRVSTFGREEYHKDDVFLRRYTRYKPFVMFELSDGTFQFNFKDHHKMAISDGGKLVTY
ISPSHESTTYPLVEVLKYGEIPGYPESNFREKLTLIKEGLKQKSTIVTVD
;
_entity_poly.pdbx_strand_id   A
#
loop_
_chem_comp.id
_chem_comp.type
_chem_comp.name
_chem_comp.formula
ZN non-polymer 'ZINC ION' 'Zn 2'
#
# COMPACT_ATOMS: atom_id res chain seq x y z
N LEU A 45 -11.19 16.44 3.36
CA LEU A 45 -10.93 15.44 2.32
C LEU A 45 -12.21 14.72 1.97
N ILE A 46 -12.49 14.66 0.67
CA ILE A 46 -13.67 13.95 0.19
C ILE A 46 -13.24 12.86 -0.79
N ALA A 47 -13.40 11.62 -0.37
CA ALA A 47 -13.09 10.48 -1.21
C ALA A 47 -14.06 10.44 -2.39
N THR A 48 -13.51 10.48 -3.59
CA THR A 48 -14.33 10.32 -4.80
C THR A 48 -14.71 8.85 -4.93
N SER A 49 -13.81 7.97 -4.52
CA SER A 49 -14.08 6.54 -4.56
C SER A 49 -13.11 5.74 -3.70
N THR A 50 -13.49 4.49 -3.42
CA THR A 50 -12.74 3.59 -2.56
C THR A 50 -13.37 2.22 -2.71
N ASN A 51 -12.62 1.15 -2.47
CA ASN A 51 -13.19 -0.18 -2.57
C ASN A 51 -14.04 -0.51 -1.35
N VAL A 52 -15.15 -1.22 -1.58
CA VAL A 52 -16.06 -1.60 -0.51
C VAL A 52 -15.52 -2.79 0.26
N ILE A 53 -15.40 -2.62 1.58
CA ILE A 53 -14.97 -3.69 2.46
C ILE A 53 -16.19 -4.17 3.24
N LYS A 54 -16.52 -5.44 3.10
CA LYS A 54 -17.76 -5.99 3.68
C LYS A 54 -17.52 -6.63 5.05
N SER A 55 -16.25 -6.74 5.42
CA SER A 55 -15.86 -7.45 6.63
C SER A 55 -15.49 -6.48 7.75
N GLU A 56 -16.17 -6.60 8.89
CA GLU A 56 -15.91 -5.72 10.03
C GLU A 56 -14.53 -5.98 10.60
N ILE A 57 -14.13 -7.24 10.60
CA ILE A 57 -12.81 -7.62 11.10
C ILE A 57 -11.72 -7.03 10.19
N SER A 58 -11.93 -7.07 8.88
CA SER A 58 -10.99 -6.47 7.95
C SER A 58 -10.89 -4.96 8.18
N LEU A 59 -12.03 -4.32 8.39
CA LEU A 59 -12.05 -2.88 8.64
C LEU A 59 -11.32 -2.53 9.95
N ARG A 60 -11.47 -3.37 10.97
CA ARG A 60 -10.77 -3.16 12.23
C ARG A 60 -9.25 -3.19 12.03
N ILE A 61 -8.79 -4.18 11.28
CA ILE A 61 -7.37 -4.36 11.00
C ILE A 61 -6.81 -3.16 10.23
N LEU A 62 -7.55 -2.75 9.20
CA LEU A 62 -7.16 -1.57 8.42
C LEU A 62 -7.06 -0.32 9.30
N ALA A 63 -8.06 -0.10 10.13
CA ALA A 63 -8.11 1.08 10.99
C ALA A 63 -6.96 1.07 11.98
N SER A 64 -6.59 -0.13 12.44
CA SER A 64 -5.50 -0.27 13.38
C SER A 64 -4.16 0.15 12.78
N GLU A 65 -3.92 -0.21 11.52
CA GLU A 65 -2.68 0.19 10.84
C GLU A 65 -2.66 1.69 10.58
N CYS A 66 -3.81 2.27 10.26
CA CYS A 66 -3.92 3.71 10.07
C CYS A 66 -3.62 4.43 11.37
N HIS A 67 -4.18 3.91 12.44
CA HIS A 67 -3.97 4.45 13.78
C HIS A 67 -2.50 4.34 14.17
N LEU A 68 -1.92 3.18 13.89
CA LEU A 68 -0.53 2.88 14.20
C LEU A 68 0.47 3.83 13.53
N THR A 69 0.36 4.05 12.22
CA THR A 69 1.36 4.89 11.56
C THR A 69 1.08 6.37 11.80
N LEU A 70 -0.18 6.76 11.97
CA LEU A 70 -0.48 8.14 12.34
C LEU A 70 0.21 8.47 13.67
N ASN A 71 0.08 7.56 14.63
CA ASN A 71 0.77 7.71 15.90
C ASN A 71 2.28 7.84 15.70
N GLY A 72 2.81 7.04 14.78
CA GLY A 72 4.23 7.08 14.48
C GLY A 72 4.65 8.42 13.88
N ILE A 73 3.84 8.96 12.99
CA ILE A 73 4.14 10.24 12.37
C ILE A 73 4.13 11.32 13.44
N VAL A 74 3.10 11.31 14.28
CA VAL A 74 2.96 12.29 15.34
C VAL A 74 4.13 12.20 16.32
N GLU A 75 4.63 10.98 16.55
CA GLU A 75 5.75 10.80 17.47
C GLU A 75 7.02 11.33 16.84
N ALA A 76 7.17 11.15 15.53
CA ALA A 76 8.33 11.68 14.83
C ALA A 76 8.31 13.20 14.95
N GLU A 77 7.13 13.78 14.81
CA GLU A 77 6.95 15.23 14.92
C GLU A 77 7.26 15.73 16.33
N ALA A 78 6.95 14.90 17.33
CA ALA A 78 7.26 15.24 18.72
C ALA A 78 8.76 15.17 18.97
N GLN A 79 9.43 14.22 18.34
CA GLN A 79 10.88 14.09 18.49
C GLN A 79 11.56 15.31 17.87
N TYR A 80 11.03 15.74 16.73
CA TYR A 80 11.54 16.92 16.06
C TYR A 80 11.35 18.18 16.92
N LYS A 81 10.14 18.33 17.46
CA LYS A 81 9.79 19.54 18.19
C LYS A 81 10.39 19.60 19.59
N MET A 82 10.41 18.48 20.30
CA MET A 82 10.77 18.46 21.71
C MET A 82 12.09 17.75 22.00
N GLY A 83 12.65 17.07 21.01
CA GLY A 83 14.02 16.59 21.08
C GLY A 83 14.29 15.25 21.75
N GLY A 84 13.24 14.52 22.09
CA GLY A 84 13.42 13.22 22.72
C GLY A 84 14.09 12.23 21.79
N LEU A 85 15.06 11.49 22.33
CA LEU A 85 15.74 10.45 21.58
C LEU A 85 15.32 9.08 22.11
N PRO A 86 14.61 8.29 21.29
CA PRO A 86 14.20 6.96 21.75
C PRO A 86 15.37 6.06 22.14
N LYS A 87 15.23 5.30 23.21
CA LYS A 87 16.22 4.29 23.57
C LYS A 87 16.30 3.23 22.48
N SER A 88 15.17 2.97 21.84
CA SER A 88 15.10 1.98 20.78
C SER A 88 16.08 2.30 19.65
N ARG A 89 16.77 1.27 19.17
CA ARG A 89 17.70 1.42 18.06
C ARG A 89 16.96 1.95 16.86
N LEU A 90 17.61 2.82 16.10
CA LEU A 90 16.95 3.51 14.99
C LEU A 90 16.45 2.53 13.93
N PRO A 91 15.40 2.92 13.20
CA PRO A 91 14.83 2.05 12.17
C PRO A 91 15.84 1.72 11.08
N LYS A 92 16.08 0.44 10.84
CA LYS A 92 16.93 0.02 9.74
C LYS A 92 16.27 0.47 8.45
N ILE A 93 17.03 1.12 7.57
CA ILE A 93 16.46 1.67 6.35
C ILE A 93 16.24 0.55 5.35
N LYS A 94 14.97 0.36 5.00
CA LYS A 94 14.54 -0.70 4.10
C LYS A 94 13.50 -0.13 3.15
N HIS A 95 13.76 -0.27 1.84
CA HIS A 95 12.81 0.18 0.84
C HIS A 95 11.51 -0.64 0.95
N PRO A 96 10.36 0.03 1.02
CA PRO A 96 9.11 -0.73 1.10
C PRO A 96 8.63 -1.19 -0.25
N MET A 97 7.65 -2.11 -0.23
CA MET A 97 6.86 -2.44 -1.40
C MET A 97 6.17 -1.17 -1.88
N ILE A 98 6.11 -0.95 -3.19
CA ILE A 98 5.35 0.18 -3.71
C ILE A 98 4.49 -0.23 -4.91
N VAL A 99 3.42 0.53 -5.11
CA VAL A 99 2.59 0.40 -6.29
C VAL A 99 3.20 1.23 -7.40
N THR A 100 3.52 0.58 -8.51
CA THR A 100 4.21 1.24 -9.62
C THR A 100 3.25 1.62 -10.75
N LYS A 101 2.08 1.00 -10.73
CA LYS A 101 1.10 1.16 -11.80
C LYS A 101 -0.28 0.80 -11.27
N TRP A 102 -1.31 1.54 -11.69
CA TRP A 102 -2.67 1.20 -11.29
C TRP A 102 -3.66 1.74 -12.30
N VAL A 103 -4.84 1.13 -12.35
CA VAL A 103 -5.87 1.55 -13.29
C VAL A 103 -7.24 1.24 -12.70
N ASP A 104 -8.15 2.19 -12.88
CA ASP A 104 -9.47 2.16 -12.24
C ASP A 104 -10.57 2.30 -13.29
N TYR A 105 -10.78 1.22 -14.04
CA TYR A 105 -11.84 1.14 -15.03
C TYR A 105 -13.14 0.70 -14.38
N SER A 106 -14.25 1.03 -15.03
CA SER A 106 -15.58 0.65 -14.55
C SER A 106 -16.12 -0.60 -15.21
N ASN A 107 -15.53 -0.98 -16.34
CA ASN A 107 -16.14 -1.99 -17.22
C ASN A 107 -15.31 -3.24 -17.43
N LYS A 108 -14.38 -3.54 -16.53
CA LYS A 108 -13.49 -4.69 -16.69
C LYS A 108 -13.51 -5.61 -15.47
N HIS A 109 -14.51 -5.41 -14.60
CA HIS A 109 -14.75 -6.26 -13.44
C HIS A 109 -13.64 -6.25 -12.40
N GLY A 110 -12.89 -5.16 -12.35
CA GLY A 110 -11.92 -5.02 -11.29
C GLY A 110 -11.00 -3.83 -11.36
N PHE A 111 -10.45 -3.48 -10.20
CA PHE A 111 -9.39 -2.51 -10.04
C PHE A 111 -8.09 -3.29 -10.14
N SER A 112 -7.08 -2.73 -10.79
CA SER A 112 -5.83 -3.46 -10.98
C SER A 112 -4.62 -2.60 -10.70
N TYR A 113 -3.55 -3.24 -10.25
CA TYR A 113 -2.32 -2.57 -9.89
C TYR A 113 -1.12 -3.47 -10.13
N GLN A 114 0.05 -2.84 -10.35
CA GLN A 114 1.31 -3.57 -10.41
C GLN A 114 2.19 -3.10 -9.26
N LEU A 115 2.92 -4.02 -8.66
CA LEU A 115 3.84 -3.72 -7.56
C LEU A 115 5.28 -3.69 -8.05
N SER A 116 6.18 -3.22 -7.20
CA SER A 116 7.59 -3.10 -7.57
C SER A 116 8.25 -4.46 -7.78
N THR A 117 7.62 -5.51 -7.27
CA THR A 117 8.02 -6.89 -7.53
C THR A 117 7.59 -7.36 -8.92
N GLU A 118 6.83 -6.51 -9.61
CA GLU A 118 6.18 -6.78 -10.89
C GLU A 118 5.01 -7.76 -10.75
N ASP A 119 4.65 -8.08 -9.51
CA ASP A 119 3.39 -8.77 -9.26
C ASP A 119 2.24 -7.89 -9.73
N ILE A 120 1.16 -8.53 -10.18
CA ILE A 120 -0.03 -7.80 -10.63
C ILE A 120 -1.24 -8.29 -9.84
N GLY A 121 -1.98 -7.34 -9.27
CA GLY A 121 -3.18 -7.66 -8.52
C GLY A 121 -4.42 -7.19 -9.24
N VAL A 122 -5.50 -7.95 -9.08
CA VAL A 122 -6.83 -7.49 -9.46
C VAL A 122 -7.71 -7.57 -8.22
N LEU A 123 -8.25 -6.42 -7.84
CA LEU A 123 -9.20 -6.32 -6.75
C LEU A 123 -10.58 -6.35 -7.36
N PHE A 124 -11.28 -7.47 -7.17
CA PHE A 124 -12.58 -7.67 -7.78
C PHE A 124 -13.66 -6.93 -7.01
N ASN A 125 -14.83 -6.76 -7.62
CA ASN A 125 -15.87 -5.92 -7.06
C ASN A 125 -16.49 -6.50 -5.78
N ASN A 126 -16.36 -7.81 -5.58
CA ASN A 126 -16.87 -8.44 -4.36
C ASN A 126 -15.84 -8.41 -3.23
N GLY A 127 -14.71 -7.76 -3.49
CA GLY A 127 -13.71 -7.55 -2.45
C GLY A 127 -12.60 -8.58 -2.42
N THR A 128 -12.71 -9.61 -3.24
CA THR A 128 -11.64 -10.62 -3.31
C THR A 128 -10.54 -10.16 -4.26
N THR A 129 -9.37 -10.77 -4.13
CA THR A 129 -8.20 -10.42 -4.92
C THR A 129 -7.54 -11.64 -5.51
N VAL A 130 -7.08 -11.52 -6.75
CA VAL A 130 -6.08 -12.43 -7.29
C VAL A 130 -4.78 -11.66 -7.42
N LEU A 131 -3.74 -12.17 -6.78
CA LEU A 131 -2.41 -11.62 -6.88
C LEU A 131 -1.57 -12.55 -7.74
N ARG A 132 -1.31 -12.11 -8.97
CA ARG A 132 -0.52 -12.86 -9.95
C ARG A 132 0.96 -12.55 -9.78
N LEU A 133 1.76 -13.55 -9.40
CA LEU A 133 3.19 -13.32 -9.21
C LEU A 133 3.86 -13.04 -10.53
N ALA A 134 4.98 -12.31 -10.45
CA ALA A 134 5.71 -11.88 -11.63
C ALA A 134 6.24 -13.06 -12.44
N ASP A 135 6.33 -14.23 -11.81
CA ASP A 135 6.87 -15.40 -12.50
C ASP A 135 5.89 -15.95 -13.54
N ALA A 136 4.67 -15.44 -13.53
CA ALA A 136 3.62 -15.87 -14.46
C ALA A 136 3.33 -17.36 -14.35
N GLU A 137 3.52 -17.93 -13.16
CA GLU A 137 3.16 -19.32 -12.92
C GLU A 137 2.35 -19.53 -11.63
N GLU A 138 2.57 -18.67 -10.63
CA GLU A 138 1.87 -18.79 -9.36
C GLU A 138 0.95 -17.61 -9.10
N PHE A 139 -0.15 -17.86 -8.39
CA PHE A 139 -0.99 -16.76 -7.92
C PHE A 139 -1.64 -17.10 -6.59
N TRP A 140 -2.01 -16.05 -5.86
CA TRP A 140 -2.82 -16.15 -4.65
C TRP A 140 -4.25 -15.74 -4.94
N TYR A 141 -5.19 -16.51 -4.42
CA TYR A 141 -6.59 -16.07 -4.36
C TYR A 141 -6.88 -15.65 -2.92
N ILE A 142 -7.22 -14.38 -2.76
CA ILE A 142 -7.41 -13.78 -1.44
C ILE A 142 -8.87 -13.44 -1.21
N SER A 143 -9.44 -13.98 -0.14
CA SER A 143 -10.85 -13.80 0.18
C SER A 143 -11.04 -13.50 1.65
N TYR A 144 -12.28 -13.22 2.04
CA TYR A 144 -12.56 -12.86 3.42
C TYR A 144 -12.59 -14.09 4.34
N ASP A 145 -12.25 -13.85 5.59
CA ASP A 145 -12.17 -14.89 6.61
C ASP A 145 -12.72 -14.32 7.92
N ASP A 146 -13.55 -15.11 8.59
CA ASP A 146 -14.28 -14.61 9.76
C ASP A 146 -13.41 -14.54 11.02
N ARG A 147 -12.13 -14.92 10.89
CA ARG A 147 -11.22 -14.93 12.02
C ARG A 147 -9.99 -14.07 11.80
N GLU A 148 -9.49 -14.03 10.56
CA GLU A 148 -8.25 -13.31 10.27
C GLU A 148 -8.46 -12.14 9.30
N GLY A 149 -9.69 -11.95 8.84
CA GLY A 149 -10.00 -10.87 7.93
C GLY A 149 -9.81 -11.28 6.49
N TRP A 150 -8.57 -11.54 6.11
CA TRP A 150 -8.23 -12.07 4.78
C TRP A 150 -7.56 -13.42 4.92
N VAL A 151 -7.83 -14.31 3.98
CA VAL A 151 -7.09 -15.56 3.88
C VAL A 151 -6.65 -15.74 2.43
N ALA A 152 -5.47 -16.30 2.25
CA ALA A 152 -4.89 -16.49 0.93
C ALA A 152 -4.68 -17.96 0.63
N SER A 153 -5.02 -18.35 -0.59
CA SER A 153 -4.81 -19.71 -1.09
C SER A 153 -3.85 -19.71 -2.27
N HIS A 154 -2.87 -20.60 -2.20
CA HIS A 154 -1.78 -20.71 -3.17
C HIS A 154 -2.19 -21.58 -4.37
N TYR A 155 -2.07 -21.05 -5.59
CA TYR A 155 -2.39 -21.80 -6.80
C TYR A 155 -1.33 -21.66 -7.90
N LEU A 156 -1.36 -22.60 -8.83
CA LEU A 156 -0.57 -22.53 -10.06
C LEU A 156 -1.49 -22.22 -11.24
N LEU A 157 -1.04 -21.34 -12.12
CA LEU A 157 -1.83 -21.03 -13.32
C LEU A 157 -2.04 -22.28 -14.17
N SER A 158 -1.04 -23.17 -14.14
CA SER A 158 -1.10 -24.41 -14.91
C SER A 158 -2.10 -25.41 -14.30
N GLU A 159 -2.45 -25.19 -13.04
CA GLU A 159 -3.43 -26.03 -12.35
C GLU A 159 -4.55 -25.15 -11.81
N LYS A 160 -5.08 -24.31 -12.68
CA LYS A 160 -6.10 -23.33 -12.32
C LYS A 160 -7.41 -24.03 -11.92
N PRO A 161 -7.95 -23.70 -10.75
CA PRO A 161 -9.26 -24.25 -10.40
C PRO A 161 -10.37 -23.62 -11.23
N ARG A 162 -11.28 -24.46 -11.71
CA ARG A 162 -12.40 -24.04 -12.55
C ARG A 162 -13.20 -22.88 -11.97
N GLU A 163 -13.36 -22.85 -10.65
CA GLU A 163 -14.18 -21.80 -10.05
C GLU A 163 -13.47 -20.44 -10.03
N LEU A 164 -12.21 -20.41 -10.45
CA LEU A 164 -11.47 -19.15 -10.58
C LEU A 164 -11.12 -18.85 -12.04
N SER A 165 -11.69 -19.63 -12.96
CA SER A 165 -11.35 -19.47 -14.37
C SER A 165 -11.67 -18.06 -14.89
N ARG A 166 -12.85 -17.53 -14.57
CA ARG A 166 -13.21 -16.22 -15.10
C ARG A 166 -12.35 -15.13 -14.46
N HIS A 167 -11.97 -15.34 -13.20
CA HIS A 167 -11.09 -14.39 -12.51
C HIS A 167 -9.76 -14.27 -13.26
N LEU A 168 -9.22 -15.41 -13.69
CA LEU A 168 -7.91 -15.40 -14.33
C LEU A 168 -7.97 -14.85 -15.75
N GLU A 169 -9.15 -14.90 -16.38
CA GLU A 169 -9.32 -14.23 -17.68
C GLU A 169 -9.22 -12.72 -17.51
N VAL A 170 -9.81 -12.20 -16.43
CA VAL A 170 -9.71 -10.79 -16.11
C VAL A 170 -8.26 -10.45 -15.77
N VAL A 171 -7.62 -11.31 -14.99
CA VAL A 171 -6.22 -11.09 -14.63
C VAL A 171 -5.35 -11.04 -15.89
N ASP A 172 -5.66 -11.91 -16.85
CA ASP A 172 -4.93 -11.95 -18.11
C ASP A 172 -5.08 -10.63 -18.87
N PHE A 173 -6.29 -10.07 -18.86
CA PHE A 173 -6.53 -8.78 -19.49
C PHE A 173 -5.60 -7.71 -18.88
N PHE A 174 -5.51 -7.68 -17.56
CA PHE A 174 -4.72 -6.65 -16.91
C PHE A 174 -3.22 -6.92 -17.02
N ALA A 175 -2.83 -8.19 -17.11
CA ALA A 175 -1.43 -8.54 -17.36
C ALA A 175 -0.98 -7.96 -18.70
N LYS A 176 -1.83 -8.09 -19.72
CA LYS A 176 -1.56 -7.52 -21.03
C LYS A 176 -1.53 -5.99 -20.97
N TYR A 177 -2.49 -5.42 -20.25
CA TYR A 177 -2.55 -3.98 -20.06
C TYR A 177 -1.29 -3.44 -19.39
N MET A 178 -0.82 -4.11 -18.35
CA MET A 178 0.31 -3.63 -17.55
C MET A 178 1.64 -3.71 -18.29
N LYS A 179 1.77 -4.63 -19.24
CA LYS A 179 3.03 -4.81 -19.96
C LYS A 179 3.13 -3.84 -21.14
N THR A 187 -0.42 -13.50 5.96
CA THR A 187 -1.40 -14.03 5.01
C THR A 187 -0.77 -15.10 4.13
N PHE A 188 0.52 -14.94 3.83
CA PHE A 188 1.15 -15.71 2.77
C PHE A 188 2.18 -16.75 3.24
N GLY A 189 2.17 -17.07 4.52
CA GLY A 189 3.05 -18.10 5.05
C GLY A 189 4.47 -17.63 5.26
N ARG A 190 5.40 -18.58 5.35
CA ARG A 190 6.79 -18.27 5.68
C ARG A 190 7.79 -18.90 4.72
N GLU A 191 7.30 -19.51 3.63
N GLU A 191 7.31 -19.50 3.63
CA GLU A 191 8.18 -20.01 2.57
CA GLU A 191 8.19 -20.01 2.60
C GLU A 191 9.03 -18.85 2.04
C GLU A 191 9.02 -18.86 2.04
N GLU A 192 10.27 -19.14 1.67
CA GLU A 192 11.21 -18.09 1.26
C GLU A 192 10.69 -17.28 0.08
N TYR A 193 10.04 -17.96 -0.86
CA TYR A 193 9.57 -17.33 -2.09
C TYR A 193 8.40 -16.38 -1.86
N HIS A 194 7.78 -16.47 -0.69
CA HIS A 194 6.52 -15.75 -0.42
C HIS A 194 6.55 -14.85 0.81
N LYS A 195 7.64 -14.85 1.56
CA LYS A 195 7.63 -14.24 2.87
C LYS A 195 7.47 -12.72 2.81
N ASP A 196 7.81 -12.13 1.66
CA ASP A 196 7.68 -10.68 1.47
C ASP A 196 6.49 -10.34 0.58
N ASP A 197 5.60 -11.29 0.36
CA ASP A 197 4.44 -11.06 -0.51
C ASP A 197 3.51 -10.03 0.11
N VAL A 198 2.92 -9.20 -0.74
CA VAL A 198 2.07 -8.10 -0.33
C VAL A 198 0.93 -7.94 -1.33
N PHE A 199 -0.24 -7.54 -0.84
CA PHE A 199 -1.34 -7.16 -1.72
C PHE A 199 -1.99 -5.87 -1.22
N LEU A 200 -2.83 -5.30 -2.08
CA LEU A 200 -3.52 -4.06 -1.78
C LEU A 200 -4.82 -4.33 -1.02
N ARG A 201 -4.91 -3.83 0.21
CA ARG A 201 -6.10 -4.05 1.02
C ARG A 201 -7.18 -3.02 0.72
N ARG A 202 -6.77 -1.77 0.59
CA ARG A 202 -7.71 -0.68 0.36
C ARG A 202 -7.04 0.45 -0.39
N TYR A 203 -7.78 1.03 -1.32
CA TYR A 203 -7.35 2.27 -1.97
C TYR A 203 -8.42 3.32 -1.78
N THR A 204 -8.02 4.58 -1.76
CA THR A 204 -8.96 5.68 -1.68
C THR A 204 -8.47 6.80 -2.59
N ARG A 205 -9.36 7.26 -3.45
CA ARG A 205 -9.07 8.36 -4.34
C ARG A 205 -9.60 9.68 -3.80
N TYR A 206 -8.69 10.64 -3.64
CA TYR A 206 -9.04 12.00 -3.29
C TYR A 206 -8.57 12.90 -4.43
N LYS A 207 -9.08 14.12 -4.47
CA LYS A 207 -8.62 15.08 -5.48
C LYS A 207 -7.10 15.31 -5.36
N PRO A 208 -6.58 15.59 -4.16
CA PRO A 208 -5.15 15.86 -4.06
C PRO A 208 -4.24 14.62 -4.17
N PHE A 209 -4.75 13.45 -3.82
CA PHE A 209 -3.92 12.25 -3.88
C PHE A 209 -4.74 10.96 -3.87
N VAL A 210 -4.11 9.88 -4.32
CA VAL A 210 -4.67 8.55 -4.12
C VAL A 210 -3.84 7.85 -3.05
N MET A 211 -4.53 7.12 -2.18
CA MET A 211 -3.95 6.49 -1.01
C MET A 211 -4.07 4.98 -1.11
N PHE A 212 -2.94 4.29 -0.98
CA PHE A 212 -2.89 2.83 -1.03
C PHE A 212 -2.50 2.28 0.34
N GLU A 213 -3.27 1.31 0.80
CA GLU A 213 -3.00 0.62 2.06
C GLU A 213 -2.59 -0.82 1.77
N LEU A 214 -1.30 -1.10 1.90
CA LEU A 214 -0.76 -2.42 1.56
C LEU A 214 -0.78 -3.34 2.77
N SER A 215 -0.75 -4.65 2.49
CA SER A 215 -1.00 -5.65 3.52
C SER A 215 0.13 -5.80 4.53
N ASP A 216 1.28 -5.19 4.27
CA ASP A 216 2.38 -5.23 5.23
C ASP A 216 2.39 -3.99 6.13
N GLY A 217 1.40 -3.13 5.98
CA GLY A 217 1.26 -1.95 6.83
C GLY A 217 1.85 -0.69 6.21
N THR A 218 2.35 -0.81 4.99
CA THR A 218 2.87 0.35 4.27
C THR A 218 1.73 1.15 3.66
N PHE A 219 1.86 2.48 3.73
CA PHE A 219 0.91 3.40 3.10
C PHE A 219 1.61 4.16 1.99
N GLN A 220 1.00 4.21 0.82
CA GLN A 220 1.56 4.97 -0.29
C GLN A 220 0.60 6.07 -0.70
N PHE A 221 1.17 7.24 -0.99
CA PHE A 221 0.40 8.41 -1.38
C PHE A 221 0.93 8.98 -2.69
N ASN A 222 0.12 8.91 -3.73
CA ASN A 222 0.47 9.47 -5.04
C ASN A 222 -0.23 10.80 -5.23
N PHE A 223 0.56 11.88 -5.22
CA PHE A 223 0.01 13.23 -5.34
C PHE A 223 -0.08 13.65 -6.81
N LYS A 224 -0.90 14.67 -7.07
CA LYS A 224 -1.15 15.16 -8.43
C LYS A 224 0.12 15.54 -9.19
N ASP A 225 1.15 15.95 -8.46
CA ASP A 225 2.39 16.43 -9.06
C ASP A 225 3.35 15.28 -9.39
N HIS A 226 2.85 14.05 -9.27
CA HIS A 226 3.62 12.85 -9.58
C HIS A 226 4.78 12.62 -8.61
N HIS A 227 4.83 13.42 -7.55
CA HIS A 227 5.67 13.08 -6.42
C HIS A 227 4.89 12.04 -5.62
N LYS A 228 5.56 10.97 -5.21
CA LYS A 228 4.93 9.95 -4.40
C LYS A 228 5.70 9.77 -3.11
N MET A 229 4.97 9.42 -2.06
CA MET A 229 5.58 9.14 -0.77
C MET A 229 4.97 7.89 -0.20
N ALA A 230 5.83 7.06 0.38
CA ALA A 230 5.39 5.86 1.08
C ALA A 230 5.83 5.92 2.54
N ILE A 231 4.90 5.65 3.45
CA ILE A 231 5.19 5.60 4.87
C ILE A 231 5.21 4.15 5.34
N SER A 232 6.29 3.75 5.98
CA SER A 232 6.43 2.37 6.45
C SER A 232 7.03 2.29 7.85
N ASP A 233 7.10 1.08 8.37
CA ASP A 233 7.62 0.82 9.71
C ASP A 233 6.87 1.65 10.74
N GLY A 234 5.54 1.57 10.69
CA GLY A 234 4.70 2.22 11.68
C GLY A 234 4.91 3.72 11.73
N GLY A 235 5.12 4.34 10.58
CA GLY A 235 5.25 5.78 10.51
C GLY A 235 6.66 6.32 10.75
N LYS A 236 7.63 5.43 10.93
CA LYS A 236 8.99 5.85 11.24
C LYS A 236 9.85 6.12 10.01
N LEU A 237 9.47 5.54 8.88
CA LEU A 237 10.24 5.69 7.65
C LEU A 237 9.39 6.35 6.57
N VAL A 238 10.01 7.25 5.82
CA VAL A 238 9.37 7.84 4.65
C VAL A 238 10.22 7.54 3.42
N THR A 239 9.56 7.08 2.37
CA THR A 239 10.22 6.80 1.10
C THR A 239 9.71 7.79 0.09
N TYR A 240 10.63 8.56 -0.48
CA TYR A 240 10.26 9.51 -1.50
C TYR A 240 10.53 8.91 -2.86
N ILE A 241 9.54 9.05 -3.74
CA ILE A 241 9.66 8.59 -5.10
C ILE A 241 9.49 9.81 -6.01
N SER A 242 10.55 10.19 -6.68
CA SER A 242 10.53 11.39 -7.52
C SER A 242 9.71 11.14 -8.79
N PRO A 243 9.36 12.23 -9.50
CA PRO A 243 8.61 12.09 -10.76
C PRO A 243 9.36 11.30 -11.83
N SER A 244 10.65 11.04 -11.61
CA SER A 244 11.44 10.18 -12.50
C SER A 244 11.66 8.80 -11.85
N HIS A 245 11.00 8.58 -10.72
CA HIS A 245 10.91 7.27 -10.05
C HIS A 245 12.21 6.91 -9.34
N GLU A 246 13.00 7.92 -9.01
CA GLU A 246 14.15 7.74 -8.14
C GLU A 246 13.65 7.58 -6.71
N SER A 247 13.97 6.44 -6.11
CA SER A 247 13.46 6.08 -4.79
C SER A 247 14.54 6.22 -3.71
N THR A 248 14.19 6.92 -2.63
CA THR A 248 15.09 7.11 -1.51
C THR A 248 14.30 7.06 -0.20
N THR A 249 14.85 6.35 0.79
CA THR A 249 14.16 6.15 2.06
C THR A 249 14.94 6.77 3.21
N TYR A 250 14.22 7.48 4.07
CA TYR A 250 14.81 8.17 5.22
C TYR A 250 13.99 7.90 6.48
N PRO A 251 14.64 7.98 7.66
CA PRO A 251 13.85 8.13 8.88
C PRO A 251 13.03 9.41 8.79
N LEU A 252 11.75 9.35 9.14
CA LEU A 252 10.89 10.51 9.02
C LEU A 252 11.41 11.68 9.85
N VAL A 253 11.89 11.38 11.05
CA VAL A 253 12.36 12.43 11.96
C VAL A 253 13.55 13.17 11.34
N GLU A 254 14.36 12.46 10.56
CA GLU A 254 15.49 13.07 9.86
C GLU A 254 15.02 14.06 8.79
N VAL A 255 13.94 13.71 8.09
CA VAL A 255 13.39 14.59 7.06
C VAL A 255 12.76 15.82 7.71
N LEU A 256 12.12 15.62 8.87
CA LEU A 256 11.50 16.72 9.58
C LEU A 256 12.56 17.72 10.03
N LYS A 257 13.66 17.21 10.57
CA LYS A 257 14.76 18.06 11.03
C LYS A 257 15.39 18.80 9.84
N TYR A 258 15.43 18.13 8.69
CA TYR A 258 15.99 18.73 7.49
C TYR A 258 15.01 19.74 6.88
N GLY A 259 13.72 19.50 7.09
CA GLY A 259 12.68 20.42 6.66
C GLY A 259 12.05 20.07 5.32
N GLU A 260 12.73 19.23 4.54
CA GLU A 260 12.27 18.87 3.21
C GLU A 260 12.93 17.58 2.76
N ILE A 261 12.45 17.01 1.66
CA ILE A 261 13.09 15.84 1.08
C ILE A 261 14.45 16.28 0.51
N PRO A 262 15.54 15.62 0.95
CA PRO A 262 16.84 15.91 0.33
C PRO A 262 16.83 15.71 -1.18
N GLY A 263 17.30 16.72 -1.91
CA GLY A 263 17.42 16.65 -3.35
C GLY A 263 16.17 17.10 -4.11
N TYR A 264 15.08 17.34 -3.38
CA TYR A 264 13.81 17.69 -4.01
C TYR A 264 13.06 18.79 -3.27
N PRO A 265 13.63 20.01 -3.28
CA PRO A 265 13.03 21.15 -2.59
C PRO A 265 11.65 21.54 -3.13
N GLU A 266 11.29 21.06 -4.32
CA GLU A 266 10.00 21.38 -4.91
C GLU A 266 8.89 20.43 -4.49
N SER A 267 9.22 19.45 -3.66
CA SER A 267 8.26 18.39 -3.35
C SER A 267 7.25 18.81 -2.30
N ASN A 268 7.47 19.95 -1.65
CA ASN A 268 6.48 20.50 -0.73
C ASN A 268 6.12 19.50 0.38
N PHE A 269 7.15 18.98 1.04
CA PHE A 269 6.99 17.88 1.97
C PHE A 269 6.00 18.17 3.11
N ARG A 270 6.05 19.37 3.68
CA ARG A 270 5.23 19.65 4.86
C ARG A 270 3.75 19.64 4.54
N GLU A 271 3.38 20.14 3.36
CA GLU A 271 1.99 20.11 2.94
C GLU A 271 1.55 18.67 2.69
N LYS A 272 2.44 17.89 2.09
CA LYS A 272 2.11 16.49 1.80
C LYS A 272 1.94 15.68 3.08
N LEU A 273 2.79 15.93 4.08
CA LEU A 273 2.69 15.19 5.33
C LEU A 273 1.38 15.55 6.06
N THR A 274 0.96 16.80 5.93
CA THR A 274 -0.32 17.22 6.48
C THR A 274 -1.47 16.47 5.82
N LEU A 275 -1.42 16.36 4.50
CA LEU A 275 -2.45 15.62 3.75
C LEU A 275 -2.45 14.15 4.16
N ILE A 276 -1.25 13.60 4.33
CA ILE A 276 -1.10 12.21 4.74
C ILE A 276 -1.77 11.97 6.10
N LYS A 277 -1.52 12.87 7.05
CA LYS A 277 -2.11 12.74 8.38
C LYS A 277 -3.64 12.84 8.32
N GLU A 278 -4.16 13.71 7.46
CA GLU A 278 -5.60 13.85 7.29
C GLU A 278 -6.20 12.58 6.71
N GLY A 279 -5.51 11.99 5.74
CA GLY A 279 -5.95 10.74 5.14
C GLY A 279 -6.01 9.61 6.15
N LEU A 280 -4.93 9.45 6.90
CA LEU A 280 -4.85 8.40 7.92
C LEU A 280 -5.90 8.59 9.01
N LYS A 281 -6.11 9.83 9.42
CA LYS A 281 -7.06 10.14 10.48
C LYS A 281 -8.46 9.74 10.05
N GLN A 282 -8.82 10.14 8.84
CA GLN A 282 -10.14 9.83 8.29
C GLN A 282 -10.38 8.32 8.20
N LYS A 283 -9.43 7.59 7.63
CA LYS A 283 -9.59 6.16 7.40
C LYS A 283 -9.63 5.36 8.71
N SER A 284 -9.08 5.94 9.76
CA SER A 284 -9.01 5.25 11.06
C SER A 284 -10.36 5.24 11.76
N THR A 285 -11.31 6.04 11.25
CA THR A 285 -12.62 6.16 11.86
C THR A 285 -13.65 5.22 11.24
N ILE A 286 -13.20 4.20 10.53
CA ILE A 286 -14.14 3.33 9.86
C ILE A 286 -14.07 1.91 10.36
ZN ZN B . -3.76 3.35 20.05
ZN ZN C . 4.59 -20.53 -4.31
#